data_5C1E
#
_entry.id   5C1E
#
_cell.length_a   74.614
_cell.length_b   113.543
_cell.length_c   88.765
_cell.angle_alpha   90.000
_cell.angle_beta   90.000
_cell.angle_gamma   90.000
#
_symmetry.space_group_name_H-M   'C 2 2 21'
#
loop_
_entity.id
_entity.type
_entity.pdbx_description
1 polymer Pectinesterase
2 non-polymer 2-acetamido-2-deoxy-beta-D-glucopyranose
3 non-polymer 'SULFATE ION'
4 non-polymer 'CHLORIDE ION'
5 non-polymer GLYCEROL
6 non-polymer 'ACETATE ION'
7 water water
#
_entity_poly.entity_id   1
_entity_poly.type   'polypeptide(L)'
_entity_poly.pdbx_seq_one_letter_code
;ESRTSAPSGCLTVGSDGTYSTIGDALDALGSSTSSACIYVASGTYEEQLTIDYAGNLTLYGETTDTSTYKDNVVTITHTI
SSPDAGSLDKSATVNVVSDGFSMYNINVENGYGEGAQAVALVGNADQLGFYGCQFSGYQDTLYVKAGTQYYSNCMIEGAV
DYIFGDASVWFGECDIVSNGAGAITASSRETSSDSGWYAIDNCNIKAASGVSLTEEVYLGRPWRVLARVIYQNSVLSDII
NPKGWTTMADGATPLYYEYNNSGAGSDTSDREYETSISAAVDKTTVLGETWGDWIDRSY
;
_entity_poly.pdbx_strand_id   A
#
# COMPACT_ATOMS: atom_id res chain seq x y z
N GLU A 1 19.40 -8.57 5.72
CA GLU A 1 20.50 -7.59 5.78
C GLU A 1 20.15 -6.50 6.78
N SER A 2 21.16 -5.84 7.34
CA SER A 2 20.96 -4.61 8.10
C SER A 2 21.33 -3.44 7.18
N ARG A 3 20.55 -2.37 7.19
CA ARG A 3 20.92 -1.17 6.46
C ARG A 3 21.11 -0.02 7.43
N THR A 4 22.35 0.26 7.78
CA THR A 4 22.66 1.23 8.83
C THR A 4 23.55 2.37 8.34
N SER A 5 23.74 2.45 7.03
CA SER A 5 24.37 3.61 6.41
C SER A 5 23.93 3.65 4.96
N ALA A 6 24.25 4.74 4.28
CA ALA A 6 23.74 4.95 2.93
C ALA A 6 24.28 3.93 1.95
N PRO A 7 23.39 3.26 1.21
CA PRO A 7 23.92 2.46 0.12
C PRO A 7 24.69 3.32 -0.91
N SER A 8 25.39 2.62 -1.78
CA SER A 8 26.27 3.23 -2.77
C SER A 8 25.55 4.35 -3.52
N GLY A 9 26.11 5.55 -3.48
CA GLY A 9 25.63 6.66 -4.27
C GLY A 9 24.44 7.42 -3.71
N CYS A 10 23.87 6.98 -2.58
CA CYS A 10 22.63 7.61 -2.10
C CYS A 10 22.91 8.91 -1.37
N LEU A 11 21.97 9.84 -1.49
CA LEU A 11 21.96 11.06 -0.67
C LEU A 11 21.57 10.65 0.75
N THR A 12 22.04 11.39 1.75
CA THR A 12 21.74 11.01 3.15
C THR A 12 20.90 12.05 3.85
N VAL A 13 19.88 11.58 4.56
CA VAL A 13 19.01 12.42 5.38
C VAL A 13 19.13 11.94 6.81
N GLY A 14 19.24 12.89 7.74
CA GLY A 14 19.19 12.58 9.16
C GLY A 14 19.90 13.63 9.97
N SER A 15 19.86 13.46 11.28
CA SER A 15 20.51 14.39 12.18
C SER A 15 21.98 14.60 11.82
N ASP A 16 22.65 13.55 11.39
CA ASP A 16 24.06 13.64 11.01
C ASP A 16 24.31 13.38 9.56
N GLY A 17 23.29 13.56 8.73
CA GLY A 17 23.43 13.42 7.28
C GLY A 17 23.59 14.74 6.55
N THR A 18 23.61 14.66 5.23
CA THR A 18 23.76 15.82 4.38
C THR A 18 22.55 16.76 4.44
N TYR A 19 21.36 16.17 4.55
CA TYR A 19 20.09 16.91 4.62
C TYR A 19 19.35 16.58 5.92
N SER A 20 18.73 17.60 6.51
CA SER A 20 18.00 17.43 7.76
CA SER A 20 18.00 17.45 7.76
C SER A 20 16.58 16.93 7.55
N THR A 21 16.02 17.22 6.37
CA THR A 21 14.68 16.77 5.99
C THR A 21 14.70 15.90 4.71
N ILE A 22 13.69 15.05 4.59
CA ILE A 22 13.52 14.25 3.38
C ILE A 22 13.23 15.18 2.20
N GLY A 23 12.37 16.17 2.43
CA GLY A 23 12.04 17.16 1.42
C GLY A 23 13.27 17.87 0.83
N ASP A 24 14.24 18.19 1.67
CA ASP A 24 15.46 18.83 1.19
C ASP A 24 16.23 17.89 0.26
N ALA A 25 16.28 16.59 0.59
CA ALA A 25 16.98 15.63 -0.28
C ALA A 25 16.27 15.43 -1.62
N LEU A 26 14.93 15.31 -1.58
CA LEU A 26 14.12 15.26 -2.79
C LEU A 26 14.37 16.50 -3.67
N ASP A 27 14.36 17.68 -3.06
CA ASP A 27 14.68 18.93 -3.77
C ASP A 27 16.07 18.87 -4.41
N ALA A 28 17.03 18.33 -3.68
CA ALA A 28 18.40 18.20 -4.17
C ALA A 28 18.54 17.34 -5.42
N LEU A 29 17.59 16.46 -5.70
CA LEU A 29 17.62 15.67 -6.94
C LEU A 29 17.41 16.53 -8.17
N GLY A 30 16.62 17.60 -8.03
CA GLY A 30 16.35 18.51 -9.13
C GLY A 30 15.67 17.85 -10.32
N SER A 31 15.91 18.40 -11.51
N SER A 31 15.91 18.41 -11.50
CA SER A 31 15.35 17.87 -12.75
CA SER A 31 15.38 17.87 -12.75
C SER A 31 16.39 17.02 -13.46
C SER A 31 16.48 17.02 -13.35
N SER A 32 16.33 15.72 -13.28
CA SER A 32 17.29 14.79 -13.86
C SER A 32 16.51 13.51 -14.11
N THR A 33 16.93 12.79 -15.14
CA THR A 33 16.36 11.48 -15.47
C THR A 33 17.28 10.33 -15.06
N SER A 34 18.40 10.65 -14.41
N SER A 34 18.40 10.61 -14.41
CA SER A 34 19.32 9.65 -13.90
CA SER A 34 19.31 9.56 -13.97
C SER A 34 18.69 8.94 -12.71
C SER A 34 18.73 8.89 -12.71
N SER A 35 19.07 7.70 -12.51
N SER A 35 19.08 7.63 -12.52
CA SER A 35 18.58 6.96 -11.35
CA SER A 35 18.63 6.92 -11.35
C SER A 35 19.26 7.57 -10.13
C SER A 35 19.25 7.59 -10.13
N ALA A 36 18.52 7.59 -9.03
CA ALA A 36 18.96 8.22 -7.80
C ALA A 36 18.42 7.47 -6.61
N CYS A 37 19.04 7.68 -5.47
CA CYS A 37 18.56 7.10 -4.24
C CYS A 37 18.87 7.99 -3.06
N ILE A 38 18.02 7.83 -2.04
CA ILE A 38 18.10 8.59 -0.81
C ILE A 38 18.02 7.57 0.33
N TYR A 39 18.92 7.73 1.29
CA TYR A 39 18.93 6.97 2.53
C TYR A 39 18.48 7.89 3.66
N VAL A 40 17.46 7.44 4.39
CA VAL A 40 16.92 8.19 5.51
C VAL A 40 17.28 7.49 6.82
N ALA A 41 17.99 8.21 7.68
CA ALA A 41 18.33 7.71 8.98
C ALA A 41 17.14 7.86 9.92
N SER A 42 17.26 7.17 11.04
CA SER A 42 16.24 7.12 12.06
C SER A 42 15.68 8.50 12.38
N GLY A 43 14.38 8.53 12.60
CA GLY A 43 13.71 9.75 13.01
C GLY A 43 12.24 9.75 12.65
N THR A 44 11.56 10.72 13.23
CA THR A 44 10.18 11.04 12.84
C THR A 44 10.26 12.35 12.09
N TYR A 45 9.85 12.29 10.82
CA TYR A 45 9.92 13.40 9.89
C TYR A 45 8.49 13.94 9.67
N GLU A 46 8.23 15.11 10.24
CA GLU A 46 6.96 15.77 10.17
C GLU A 46 6.94 16.55 8.85
N GLU A 47 6.58 15.85 7.78
CA GLU A 47 6.65 16.38 6.43
C GLU A 47 5.49 15.86 5.59
N GLN A 48 5.10 16.65 4.58
CA GLN A 48 4.15 16.22 3.55
C GLN A 48 4.88 16.29 2.22
N LEU A 49 4.97 15.17 1.52
CA LEU A 49 5.88 15.04 0.38
C LEU A 49 5.16 14.68 -0.92
N THR A 50 5.63 15.24 -2.02
CA THR A 50 5.22 14.79 -3.35
C THR A 50 6.46 14.27 -4.03
N ILE A 51 6.41 13.01 -4.48
CA ILE A 51 7.54 12.37 -5.15
C ILE A 51 7.29 12.41 -6.66
N ASP A 52 7.94 13.34 -7.36
CA ASP A 52 7.72 13.52 -8.80
C ASP A 52 9.01 13.50 -9.61
N TYR A 53 10.07 12.94 -9.06
CA TYR A 53 11.36 12.87 -9.74
C TYR A 53 11.20 12.18 -11.11
N ALA A 54 11.88 12.74 -12.12
CA ALA A 54 11.79 12.23 -13.48
C ALA A 54 12.49 10.91 -13.70
N GLY A 55 13.55 10.65 -12.94
CA GLY A 55 14.27 9.40 -13.05
C GLY A 55 13.73 8.32 -12.11
N ASN A 56 14.43 7.20 -12.05
N ASN A 56 14.48 7.22 -12.04
CA ASN A 56 14.05 6.11 -11.14
CA ASN A 56 14.23 6.11 -11.14
C ASN A 56 14.66 6.36 -9.76
C ASN A 56 14.71 6.43 -9.74
N LEU A 57 13.79 6.65 -8.80
CA LEU A 57 14.20 6.97 -7.42
C LEU A 57 13.93 5.78 -6.53
N THR A 58 14.91 5.50 -5.66
CA THR A 58 14.74 4.56 -4.55
C THR A 58 14.95 5.28 -3.23
N LEU A 59 13.99 5.13 -2.30
CA LEU A 59 14.10 5.67 -0.96
C LEU A 59 14.29 4.53 0.04
N TYR A 60 15.39 4.56 0.79
CA TYR A 60 15.73 3.52 1.75
C TYR A 60 15.66 4.04 3.16
N GLY A 61 15.03 3.29 4.05
CA GLY A 61 15.05 3.59 5.46
C GLY A 61 16.04 2.75 6.23
N GLU A 62 16.59 3.34 7.27
CA GLU A 62 17.48 2.65 8.19
C GLU A 62 16.75 1.54 8.91
N THR A 63 17.35 0.35 8.96
CA THR A 63 16.80 -0.76 9.73
C THR A 63 17.80 -1.86 9.99
N THR A 64 17.68 -2.53 11.14
CA THR A 64 18.51 -3.68 11.47
C THR A 64 18.15 -4.92 10.66
N ASP A 65 16.95 -4.94 10.06
CA ASP A 65 16.45 -6.09 9.29
C ASP A 65 15.55 -5.59 8.16
N THR A 66 16.11 -5.54 6.96
CA THR A 66 15.40 -5.05 5.78
C THR A 66 14.26 -5.97 5.33
N SER A 67 14.27 -7.22 5.79
CA SER A 67 13.30 -8.24 5.35
C SER A 67 11.91 -8.09 5.97
N THR A 68 11.78 -7.18 6.95
CA THR A 68 10.53 -6.95 7.65
C THR A 68 10.27 -5.45 7.77
N TYR A 69 9.03 -5.09 8.08
CA TYR A 69 8.66 -3.73 8.48
C TYR A 69 8.84 -3.51 10.02
N LYS A 70 8.98 -4.59 10.76
CA LYS A 70 8.85 -4.52 12.22
C LYS A 70 9.93 -3.72 12.94
N ASP A 71 11.09 -3.56 12.33
CA ASP A 71 12.21 -2.82 12.90
C ASP A 71 12.42 -1.43 12.31
N ASN A 72 11.45 -0.93 11.55
CA ASN A 72 11.63 0.38 10.92
C ASN A 72 11.80 1.44 12.02
N VAL A 73 12.70 2.40 11.77
CA VAL A 73 12.95 3.50 12.70
C VAL A 73 12.76 4.85 12.00
N VAL A 74 12.24 4.84 10.78
CA VAL A 74 11.95 6.06 10.02
C VAL A 74 10.45 6.17 9.86
N THR A 75 9.88 7.26 10.38
CA THR A 75 8.47 7.52 10.23
C THR A 75 8.30 8.87 9.55
N ILE A 76 7.50 8.90 8.49
CA ILE A 76 7.05 10.14 7.86
C ILE A 76 5.60 10.37 8.28
N THR A 77 5.33 11.52 8.91
CA THR A 77 4.02 11.77 9.44
C THR A 77 3.53 13.18 9.14
N HIS A 78 2.22 13.26 8.90
CA HIS A 78 1.53 14.53 8.71
C HIS A 78 0.05 14.27 8.99
N THR A 79 -0.69 15.30 9.38
CA THR A 79 -2.08 15.13 9.73
C THR A 79 -2.94 16.18 9.02
N ILE A 80 -3.83 15.70 8.16
CA ILE A 80 -4.89 16.49 7.58
C ILE A 80 -5.90 15.56 6.91
N SER A 81 -7.17 15.98 6.89
CA SER A 81 -8.24 15.22 6.22
C SER A 81 -8.46 15.73 4.80
N SER A 82 -9.14 14.93 3.97
CA SER A 82 -9.37 15.35 2.59
C SER A 82 -10.30 16.58 2.48
N PRO A 83 -11.33 16.69 3.34
CA PRO A 83 -12.13 17.91 3.29
C PRO A 83 -11.32 19.19 3.58
N ASP A 84 -10.45 19.12 4.58
CA ASP A 84 -9.59 20.27 4.91
C ASP A 84 -8.53 20.52 3.85
N ALA A 85 -7.93 19.46 3.30
CA ALA A 85 -6.90 19.62 2.28
C ALA A 85 -7.45 19.99 0.90
N GLY A 86 -8.69 19.63 0.62
CA GLY A 86 -9.32 19.94 -0.67
C GLY A 86 -9.44 18.77 -1.64
N SER A 87 -8.68 17.70 -1.42
CA SER A 87 -8.85 16.45 -2.18
C SER A 87 -8.21 15.30 -1.45
N LEU A 88 -8.52 14.07 -1.88
CA LEU A 88 -7.81 12.89 -1.35
C LEU A 88 -6.30 12.99 -1.52
N ASP A 89 -5.84 13.32 -2.73
N ASP A 89 -5.84 13.32 -2.72
CA ASP A 89 -4.41 13.43 -3.02
CA ASP A 89 -4.40 13.42 -3.01
C ASP A 89 -3.71 14.48 -2.17
C ASP A 89 -3.71 14.47 -2.17
N LYS A 90 -4.38 15.61 -1.95
CA LYS A 90 -3.82 16.69 -1.14
C LYS A 90 -3.76 16.37 0.33
N SER A 91 -4.52 15.38 0.79
CA SER A 91 -4.48 14.93 2.18
C SER A 91 -3.33 13.96 2.45
N ALA A 92 -2.67 13.48 1.41
CA ALA A 92 -1.69 12.40 1.54
C ALA A 92 -0.43 12.88 2.19
N THR A 93 0.10 12.11 3.14
CA THR A 93 1.40 12.42 3.73
C THR A 93 2.50 12.28 2.67
N VAL A 94 2.35 11.26 1.83
CA VAL A 94 3.27 11.04 0.69
C VAL A 94 2.46 10.78 -0.59
N ASN A 95 2.79 11.53 -1.64
CA ASN A 95 2.10 11.45 -2.91
C ASN A 95 3.10 11.01 -3.96
N VAL A 96 2.99 9.77 -4.42
CA VAL A 96 3.95 9.23 -5.39
C VAL A 96 3.41 9.33 -6.81
N VAL A 97 3.98 10.23 -7.59
CA VAL A 97 3.63 10.36 -9.00
C VAL A 97 4.82 10.09 -9.93
N SER A 98 5.79 9.33 -9.44
CA SER A 98 7.01 9.09 -10.19
C SER A 98 7.09 7.60 -10.57
N ASP A 99 7.02 7.31 -11.87
CA ASP A 99 7.19 5.93 -12.33
C ASP A 99 8.45 5.28 -11.77
N GLY A 100 8.33 4.01 -11.42
CA GLY A 100 9.49 3.20 -11.04
C GLY A 100 10.01 3.44 -9.65
N PHE A 101 9.31 4.28 -8.87
CA PHE A 101 9.71 4.56 -7.50
C PHE A 101 9.72 3.26 -6.66
N SER A 102 10.73 3.14 -5.81
CA SER A 102 10.79 2.03 -4.83
C SER A 102 11.05 2.60 -3.46
N MET A 103 10.38 2.04 -2.45
CA MET A 103 10.60 2.49 -1.07
C MET A 103 10.82 1.26 -0.19
N TYR A 104 11.83 1.33 0.67
CA TYR A 104 12.24 0.23 1.53
C TYR A 104 12.27 0.67 2.97
N ASN A 105 11.54 -0.06 3.82
CA ASN A 105 11.66 0.10 5.28
C ASN A 105 11.40 1.51 5.82
N ILE A 106 10.28 2.08 5.37
CA ILE A 106 9.82 3.40 5.82
C ILE A 106 8.39 3.27 6.29
N ASN A 107 8.07 3.92 7.41
CA ASN A 107 6.69 4.04 7.88
C ASN A 107 6.10 5.37 7.39
N VAL A 108 4.88 5.34 6.88
CA VAL A 108 4.14 6.52 6.48
C VAL A 108 2.81 6.54 7.20
N GLU A 109 2.47 7.68 7.78
CA GLU A 109 1.23 7.81 8.51
C GLU A 109 0.53 9.13 8.27
N ASN A 110 -0.78 9.06 8.34
CA ASN A 110 -1.60 10.28 8.48
C ASN A 110 -2.21 10.19 9.89
N GLY A 111 -1.95 11.20 10.73
CA GLY A 111 -2.40 11.19 12.12
C GLY A 111 -3.81 11.68 12.37
N TYR A 112 -4.61 11.89 11.33
CA TYR A 112 -5.96 12.44 11.51
C TYR A 112 -6.82 11.59 12.42
N GLY A 113 -6.84 10.29 12.17
CA GLY A 113 -7.68 9.39 12.95
C GLY A 113 -9.05 9.21 12.33
N GLU A 114 -9.98 8.63 13.08
CA GLU A 114 -11.33 8.39 12.56
C GLU A 114 -12.10 9.70 12.44
N GLY A 115 -12.95 9.77 11.43
CA GLY A 115 -13.92 10.84 11.27
C GLY A 115 -14.01 11.43 9.88
N ALA A 116 -12.98 11.22 9.07
CA ALA A 116 -12.93 11.69 7.68
C ALA A 116 -11.81 10.98 6.95
N GLN A 117 -11.84 11.06 5.62
CA GLN A 117 -10.83 10.46 4.79
C GLN A 117 -9.51 11.18 5.04
N ALA A 118 -8.43 10.43 5.20
CA ALA A 118 -7.12 11.01 5.45
C ALA A 118 -6.05 10.05 4.96
N VAL A 119 -5.49 10.35 3.80
CA VAL A 119 -4.60 9.42 3.13
C VAL A 119 -3.19 9.45 3.72
N ALA A 120 -2.64 8.24 3.92
CA ALA A 120 -1.23 8.12 4.34
C ALA A 120 -0.33 8.20 3.12
N LEU A 121 -0.52 7.30 2.16
CA LEU A 121 0.25 7.34 0.91
C LEU A 121 -0.65 7.13 -0.29
N VAL A 122 -0.43 7.94 -1.33
CA VAL A 122 -1.09 7.68 -2.60
C VAL A 122 -0.03 7.22 -3.60
N GLY A 123 -0.34 6.11 -4.24
CA GLY A 123 0.46 5.61 -5.35
C GLY A 123 -0.24 5.92 -6.65
N ASN A 124 0.36 6.80 -7.44
CA ASN A 124 -0.27 7.24 -8.70
C ASN A 124 0.75 7.29 -9.83
N ALA A 125 1.27 6.13 -10.15
CA ALA A 125 2.31 5.93 -11.17
C ALA A 125 2.53 4.43 -11.37
N ASP A 126 3.30 4.07 -12.39
CA ASP A 126 3.55 2.67 -12.71
C ASP A 126 4.85 2.14 -12.13
N GLN A 127 4.91 0.82 -11.98
CA GLN A 127 6.06 0.09 -11.47
C GLN A 127 6.52 0.61 -10.11
N LEU A 128 5.55 0.79 -9.21
CA LEU A 128 5.82 1.20 -7.84
C LEU A 128 6.05 -0.01 -6.96
N GLY A 129 7.17 -0.01 -6.26
CA GLY A 129 7.55 -1.13 -5.38
C GLY A 129 7.76 -0.68 -3.96
N PHE A 130 7.09 -1.35 -3.03
CA PHE A 130 7.16 -1.04 -1.61
C PHE A 130 7.52 -2.30 -0.83
N TYR A 131 8.59 -2.22 -0.04
CA TYR A 131 9.17 -3.38 0.60
C TYR A 131 9.41 -3.09 2.07
N GLY A 132 8.78 -3.86 2.95
CA GLY A 132 9.01 -3.68 4.36
C GLY A 132 8.57 -2.34 4.90
N CYS A 133 7.54 -1.74 4.29
CA CYS A 133 7.04 -0.43 4.72
C CYS A 133 5.79 -0.58 5.59
N GLN A 134 5.49 0.47 6.35
CA GLN A 134 4.21 0.54 7.04
C GLN A 134 3.39 1.72 6.54
N PHE A 135 2.09 1.52 6.44
CA PHE A 135 1.17 2.56 6.07
C PHE A 135 0.03 2.53 7.06
N SER A 136 -0.16 3.65 7.75
N SER A 136 -0.18 3.66 7.75
CA SER A 136 -1.10 3.73 8.86
CA SER A 136 -1.11 3.71 8.87
C SER A 136 -2.07 4.91 8.75
C SER A 136 -2.07 4.90 8.81
N GLY A 137 -3.35 4.60 8.99
CA GLY A 137 -4.42 5.60 9.05
C GLY A 137 -5.67 4.95 9.60
N TYR A 138 -6.84 5.51 9.27
CA TYR A 138 -8.12 4.94 9.68
C TYR A 138 -9.00 4.79 8.44
N GLN A 139 -9.46 5.93 7.91
CA GLN A 139 -10.23 5.96 6.70
C GLN A 139 -9.37 6.35 5.50
N ASP A 140 -9.34 5.48 4.48
CA ASP A 140 -8.60 5.71 3.24
C ASP A 140 -7.06 5.75 3.39
N THR A 141 -6.50 4.87 4.21
CA THR A 141 -5.05 4.85 4.47
C THR A 141 -4.19 4.82 3.21
N LEU A 142 -4.41 3.82 2.36
CA LEU A 142 -3.57 3.58 1.20
C LEU A 142 -4.33 3.75 -0.10
N TYR A 143 -4.03 4.84 -0.78
CA TYR A 143 -4.73 5.17 -2.00
C TYR A 143 -3.93 4.60 -3.14
N VAL A 144 -4.27 3.37 -3.54
CA VAL A 144 -3.63 2.75 -4.70
C VAL A 144 -4.40 3.25 -5.94
N LYS A 145 -4.12 4.51 -6.28
CA LYS A 145 -5.00 5.26 -7.16
C LYS A 145 -4.96 4.76 -8.60
N ALA A 146 -3.75 4.58 -9.11
CA ALA A 146 -3.57 4.11 -10.48
C ALA A 146 -2.18 3.55 -10.69
N GLY A 147 -2.04 2.77 -11.74
CA GLY A 147 -0.77 2.17 -12.13
C GLY A 147 -0.48 0.81 -11.51
N THR A 148 0.58 0.19 -11.99
CA THR A 148 1.00 -1.13 -11.51
C THR A 148 1.84 -0.95 -10.26
N GLN A 149 1.50 -1.70 -9.22
CA GLN A 149 2.11 -1.52 -7.91
C GLN A 149 2.28 -2.85 -7.23
N TYR A 150 3.36 -2.95 -6.46
CA TYR A 150 3.74 -4.17 -5.78
C TYR A 150 4.14 -3.84 -4.34
N TYR A 151 3.51 -4.52 -3.39
CA TYR A 151 3.76 -4.33 -1.95
C TYR A 151 4.17 -5.67 -1.38
N SER A 152 5.37 -5.73 -0.80
CA SER A 152 5.86 -6.96 -0.19
C SER A 152 6.29 -6.77 1.25
N ASN A 153 5.82 -7.65 2.13
CA ASN A 153 6.23 -7.60 3.54
C ASN A 153 5.98 -6.25 4.19
N CYS A 154 4.85 -5.67 3.81
CA CYS A 154 4.41 -4.40 4.34
C CYS A 154 3.31 -4.63 5.38
N MET A 155 3.05 -3.56 6.14
CA MET A 155 1.96 -3.54 7.09
C MET A 155 1.05 -2.41 6.65
N ILE A 156 -0.21 -2.75 6.35
CA ILE A 156 -1.21 -1.75 5.94
C ILE A 156 -2.32 -1.75 6.99
N GLU A 157 -2.50 -0.60 7.64
CA GLU A 157 -3.46 -0.49 8.74
C GLU A 157 -4.50 0.57 8.51
N GLY A 158 -5.74 0.23 8.85
CA GLY A 158 -6.86 1.13 8.80
C GLY A 158 -8.16 0.40 9.11
N ALA A 159 -9.27 1.06 8.84
CA ALA A 159 -10.58 0.54 9.13
C ALA A 159 -11.56 0.62 7.96
N VAL A 160 -11.59 1.78 7.30
CA VAL A 160 -12.58 2.09 6.31
C VAL A 160 -11.95 2.38 4.96
N ASP A 161 -12.22 1.49 4.00
CA ASP A 161 -11.77 1.63 2.60
C ASP A 161 -10.29 1.92 2.60
N TYR A 162 -9.53 1.19 3.39
CA TYR A 162 -8.14 1.57 3.62
C TYR A 162 -7.12 1.11 2.56
N ILE A 163 -7.57 0.28 1.61
CA ILE A 163 -6.82 0.02 0.36
C ILE A 163 -7.83 0.31 -0.74
N PHE A 164 -7.63 1.39 -1.47
CA PHE A 164 -8.67 1.88 -2.37
C PHE A 164 -8.08 2.57 -3.60
N GLY A 165 -8.86 2.56 -4.69
CA GLY A 165 -8.44 3.16 -5.96
C GLY A 165 -8.46 2.13 -7.07
N ASP A 166 -7.84 2.51 -8.19
CA ASP A 166 -7.89 1.73 -9.44
C ASP A 166 -6.50 1.26 -9.94
N ALA A 167 -5.55 1.19 -9.03
CA ALA A 167 -4.28 0.56 -9.33
C ALA A 167 -4.49 -0.89 -9.66
N SER A 168 -3.57 -1.47 -10.44
CA SER A 168 -3.50 -2.90 -10.53
C SER A 168 -2.38 -3.32 -9.60
N VAL A 169 -2.74 -3.99 -8.50
CA VAL A 169 -1.85 -4.07 -7.35
C VAL A 169 -1.78 -5.46 -6.76
N TRP A 170 -0.56 -5.86 -6.43
CA TRP A 170 -0.25 -7.14 -5.81
C TRP A 170 0.31 -6.88 -4.42
N PHE A 171 -0.35 -7.45 -3.41
CA PHE A 171 0.13 -7.42 -2.01
C PHE A 171 0.61 -8.82 -1.67
N GLY A 172 1.90 -8.94 -1.41
CA GLY A 172 2.50 -10.24 -1.12
C GLY A 172 3.08 -10.26 0.27
N GLU A 173 2.72 -11.27 1.04
CA GLU A 173 3.27 -11.46 2.39
C GLU A 173 3.16 -10.18 3.26
N CYS A 174 2.01 -9.51 3.17
CA CYS A 174 1.76 -8.32 3.96
C CYS A 174 0.88 -8.63 5.15
N ASP A 175 1.04 -7.83 6.19
CA ASP A 175 0.10 -7.85 7.30
C ASP A 175 -0.90 -6.74 7.05
N ILE A 176 -2.16 -7.12 6.94
CA ILE A 176 -3.24 -6.19 6.68
C ILE A 176 -4.05 -6.15 7.97
N VAL A 177 -4.02 -4.99 8.62
CA VAL A 177 -4.40 -4.84 10.03
C VAL A 177 -5.56 -3.86 10.17
N SER A 178 -6.73 -4.36 10.58
CA SER A 178 -7.90 -3.48 10.78
C SER A 178 -7.92 -2.91 12.20
N ASN A 179 -8.06 -1.58 12.31
CA ASN A 179 -8.16 -0.90 13.62
C ASN A 179 -9.57 -0.34 13.89
N GLY A 180 -10.54 -0.80 13.12
CA GLY A 180 -11.93 -0.38 13.25
C GLY A 180 -12.79 -1.18 12.29
N ALA A 181 -14.11 -1.10 12.45
CA ALA A 181 -15.04 -1.80 11.59
C ALA A 181 -15.13 -1.12 10.21
N GLY A 182 -15.22 -1.93 9.16
CA GLY A 182 -15.30 -1.41 7.80
C GLY A 182 -14.85 -2.43 6.76
N ALA A 183 -14.74 -1.97 5.52
CA ALA A 183 -14.28 -2.81 4.42
C ALA A 183 -12.83 -2.52 4.14
N ILE A 184 -12.04 -3.57 3.91
CA ILE A 184 -10.62 -3.39 3.71
C ILE A 184 -10.35 -2.75 2.34
N THR A 185 -10.89 -3.34 1.28
CA THR A 185 -10.65 -2.82 -0.08
C THR A 185 -11.84 -2.03 -0.62
N ALA A 186 -11.54 -1.02 -1.42
CA ALA A 186 -12.56 -0.29 -2.15
C ALA A 186 -12.04 0.05 -3.56
N SER A 187 -12.10 -0.93 -4.45
CA SER A 187 -11.60 -0.75 -5.80
C SER A 187 -12.55 0.11 -6.62
N SER A 188 -11.97 1.01 -7.41
CA SER A 188 -12.71 1.88 -8.31
C SER A 188 -12.61 1.43 -9.78
N ARG A 189 -12.30 0.16 -10.02
CA ARG A 189 -12.39 -0.37 -11.37
C ARG A 189 -13.82 -0.19 -11.87
N GLU A 190 -13.98 0.38 -13.07
CA GLU A 190 -15.30 0.77 -13.54
C GLU A 190 -15.66 0.46 -14.99
N THR A 191 -14.75 -0.11 -15.77
CA THR A 191 -15.01 -0.48 -17.16
CA THR A 191 -14.98 -0.45 -17.17
C THR A 191 -14.45 -1.86 -17.44
N SER A 192 -15.05 -2.55 -18.41
CA SER A 192 -14.59 -3.89 -18.78
C SER A 192 -13.18 -3.87 -19.40
N SER A 193 -12.81 -2.75 -20.05
CA SER A 193 -11.51 -2.63 -20.71
CA SER A 193 -11.50 -2.55 -20.71
C SER A 193 -10.35 -2.49 -19.72
N ASP A 194 -10.67 -2.13 -18.48
CA ASP A 194 -9.71 -2.06 -17.39
C ASP A 194 -9.18 -3.46 -17.05
N SER A 195 -7.90 -3.69 -17.27
CA SER A 195 -7.33 -5.01 -17.06
C SER A 195 -6.79 -5.21 -15.64
N GLY A 196 -7.06 -4.26 -14.75
CA GLY A 196 -6.52 -4.30 -13.41
C GLY A 196 -7.18 -5.26 -12.44
N TRP A 197 -6.40 -5.66 -11.43
CA TRP A 197 -6.84 -6.47 -10.30
C TRP A 197 -6.21 -5.91 -9.03
N TYR A 198 -6.88 -6.10 -7.91
CA TYR A 198 -6.17 -6.25 -6.63
C TYR A 198 -5.98 -7.75 -6.39
N ALA A 199 -4.76 -8.11 -6.07
CA ALA A 199 -4.47 -9.48 -5.62
C ALA A 199 -3.83 -9.40 -4.25
N ILE A 200 -4.47 -10.04 -3.26
CA ILE A 200 -3.91 -10.13 -1.91
C ILE A 200 -3.45 -11.57 -1.71
N ASP A 201 -2.14 -11.76 -1.70
CA ASP A 201 -1.53 -13.09 -1.81
C ASP A 201 -0.60 -13.42 -0.65
N ASN A 202 -0.84 -14.56 -0.03
CA ASN A 202 -0.03 -14.97 1.13
C ASN A 202 0.08 -13.85 2.17
N CYS A 203 -1.02 -13.14 2.40
CA CYS A 203 -1.07 -12.11 3.42
C CYS A 203 -1.71 -12.62 4.69
N ASN A 204 -1.62 -11.80 5.72
N ASN A 204 -1.62 -11.82 5.74
CA ASN A 204 -2.22 -12.07 6.99
CA ASN A 204 -2.21 -12.11 7.03
C ASN A 204 -3.17 -10.93 7.36
C ASN A 204 -3.15 -10.95 7.41
N ILE A 205 -4.46 -11.25 7.44
CA ILE A 205 -5.49 -10.25 7.74
C ILE A 205 -5.91 -10.43 9.22
N LYS A 206 -5.78 -9.39 10.03
CA LYS A 206 -6.07 -9.51 11.47
C LYS A 206 -6.44 -8.15 12.07
N ALA A 207 -7.01 -8.20 13.28
CA ALA A 207 -7.29 -6.99 14.05
C ALA A 207 -6.01 -6.38 14.62
N ALA A 208 -6.03 -5.06 14.80
CA ALA A 208 -4.99 -4.37 15.55
C ALA A 208 -5.06 -4.86 16.99
N SER A 209 -3.93 -4.83 17.70
CA SER A 209 -3.93 -5.31 19.06
C SER A 209 -4.84 -4.39 19.89
N GLY A 210 -5.58 -4.98 20.83
CA GLY A 210 -6.48 -4.21 21.70
C GLY A 210 -7.84 -3.85 21.13
N VAL A 211 -8.09 -4.14 19.85
CA VAL A 211 -9.38 -3.83 19.24
CA VAL A 211 -9.36 -3.83 19.20
C VAL A 211 -10.12 -5.14 18.94
N SER A 212 -11.39 -5.18 19.37
CA SER A 212 -12.25 -6.36 19.17
C SER A 212 -13.21 -6.10 17.99
N LEU A 213 -13.04 -6.88 16.94
CA LEU A 213 -13.72 -6.67 15.67
C LEU A 213 -14.27 -7.97 15.08
N THR A 214 -14.58 -8.94 15.95
CA THR A 214 -15.06 -10.23 15.44
C THR A 214 -16.25 -10.02 14.51
N GLU A 215 -16.13 -10.54 13.30
CA GLU A 215 -17.18 -10.45 12.27
C GLU A 215 -17.61 -9.02 11.90
N GLU A 216 -16.75 -8.02 12.14
CA GLU A 216 -17.08 -6.63 11.81
C GLU A 216 -16.32 -6.07 10.62
N VAL A 217 -15.51 -6.90 9.97
CA VAL A 217 -14.66 -6.43 8.88
C VAL A 217 -15.07 -7.14 7.59
N TYR A 218 -15.09 -6.40 6.50
CA TYR A 218 -15.36 -6.97 5.19
C TYR A 218 -14.11 -6.95 4.32
N LEU A 219 -14.00 -7.94 3.46
CA LEU A 219 -12.88 -8.05 2.56
C LEU A 219 -12.88 -6.86 1.58
N GLY A 220 -14.06 -6.36 1.28
CA GLY A 220 -14.17 -5.21 0.42
C GLY A 220 -15.58 -4.77 0.13
N ARG A 221 -15.66 -3.62 -0.50
CA ARG A 221 -16.89 -3.13 -1.11
C ARG A 221 -16.54 -2.36 -2.38
N PRO A 222 -17.49 -2.24 -3.31
CA PRO A 222 -17.13 -1.68 -4.63
C PRO A 222 -17.26 -0.17 -4.70
N TRP A 223 -16.14 0.53 -4.76
CA TRP A 223 -16.18 1.97 -4.87
C TRP A 223 -16.77 2.35 -6.24
N ARG A 224 -16.47 1.56 -7.27
CA ARG A 224 -17.14 1.67 -8.56
C ARG A 224 -17.61 0.28 -8.98
N VAL A 225 -18.36 0.19 -10.07
CA VAL A 225 -19.20 -0.98 -10.32
C VAL A 225 -18.46 -2.25 -10.74
N LEU A 226 -17.21 -2.13 -11.17
CA LEU A 226 -16.49 -3.31 -11.66
C LEU A 226 -15.24 -3.64 -10.82
N ALA A 227 -15.29 -3.26 -9.55
CA ALA A 227 -14.28 -3.58 -8.57
C ALA A 227 -13.85 -5.04 -8.72
N ARG A 228 -12.54 -5.29 -8.80
CA ARG A 228 -12.02 -6.66 -8.89
C ARG A 228 -10.93 -6.94 -7.88
N VAL A 229 -11.22 -7.87 -6.97
CA VAL A 229 -10.31 -8.18 -5.88
C VAL A 229 -10.31 -9.68 -5.62
N ILE A 230 -9.11 -10.24 -5.45
CA ILE A 230 -8.93 -11.65 -5.02
C ILE A 230 -8.07 -11.73 -3.78
N TYR A 231 -8.55 -12.48 -2.77
CA TYR A 231 -7.74 -12.85 -1.62
C TYR A 231 -7.40 -14.33 -1.79
N GLN A 232 -6.11 -14.63 -1.89
CA GLN A 232 -5.66 -15.98 -2.19
C GLN A 232 -4.49 -16.41 -1.29
N ASN A 233 -4.46 -17.69 -0.95
CA ASN A 233 -3.35 -18.23 -0.16
C ASN A 233 -3.06 -17.44 1.11
N SER A 234 -4.11 -16.87 1.71
CA SER A 234 -3.96 -15.94 2.83
C SER A 234 -4.64 -16.43 4.08
N VAL A 235 -4.21 -15.86 5.20
CA VAL A 235 -4.81 -16.10 6.50
C VAL A 235 -5.79 -14.99 6.85
N LEU A 236 -7.04 -15.38 7.09
CA LEU A 236 -8.12 -14.45 7.44
C LEU A 236 -8.58 -14.74 8.86
N SER A 237 -8.40 -13.78 9.76
CA SER A 237 -8.81 -13.99 11.15
C SER A 237 -10.33 -13.88 11.29
N ASP A 238 -10.81 -14.11 12.51
CA ASP A 238 -12.25 -14.04 12.79
C ASP A 238 -12.86 -12.63 12.67
N ILE A 239 -12.06 -11.63 12.33
CA ILE A 239 -12.65 -10.31 12.02
C ILE A 239 -13.55 -10.32 10.78
N ILE A 240 -13.34 -11.25 9.86
CA ILE A 240 -14.09 -11.24 8.60
C ILE A 240 -15.54 -11.68 8.78
N ASN A 241 -16.46 -10.78 8.45
CA ASN A 241 -17.88 -11.08 8.50
C ASN A 241 -18.19 -12.27 7.59
N PRO A 242 -19.08 -13.18 8.00
CA PRO A 242 -19.41 -14.33 7.16
C PRO A 242 -19.83 -14.01 5.72
N LYS A 243 -20.49 -12.89 5.49
CA LYS A 243 -20.85 -12.47 4.12
C LYS A 243 -19.63 -12.11 3.26
N GLY A 244 -18.51 -11.79 3.91
CA GLY A 244 -17.23 -11.53 3.25
C GLY A 244 -17.13 -10.14 2.63
N TRP A 245 -18.10 -9.81 1.79
CA TRP A 245 -18.09 -8.54 1.08
C TRP A 245 -19.36 -7.75 1.36
N THR A 246 -19.29 -6.43 1.20
CA THR A 246 -20.46 -5.58 1.41
C THR A 246 -20.65 -4.61 0.23
N THR A 247 -21.65 -3.74 0.35
CA THR A 247 -22.08 -2.91 -0.77
C THR A 247 -21.58 -1.48 -0.67
N MET A 248 -21.56 -0.80 -1.82
CA MET A 248 -21.23 0.62 -1.89
C MET A 248 -21.84 1.21 -3.17
N ALA A 249 -21.19 1.08 -4.34
CA ALA A 249 -21.74 1.70 -5.55
C ALA A 249 -23.04 1.03 -5.94
N ASP A 250 -24.08 1.81 -6.22
CA ASP A 250 -25.35 1.23 -6.65
C ASP A 250 -25.19 0.56 -8.03
N GLY A 251 -25.76 -0.64 -8.17
CA GLY A 251 -25.71 -1.37 -9.44
C GLY A 251 -24.36 -2.02 -9.71
N ALA A 252 -23.58 -2.20 -8.65
CA ALA A 252 -22.25 -2.77 -8.78
C ALA A 252 -22.35 -4.24 -9.16
N THR A 253 -21.37 -4.67 -9.95
CA THR A 253 -21.19 -6.08 -10.32
C THR A 253 -19.74 -6.44 -10.09
N PRO A 254 -19.32 -6.50 -8.81
CA PRO A 254 -17.91 -6.70 -8.54
C PRO A 254 -17.44 -8.09 -8.92
N LEU A 255 -16.15 -8.19 -9.19
CA LEU A 255 -15.49 -9.48 -9.41
C LEU A 255 -14.62 -9.78 -8.18
N TYR A 256 -15.26 -10.48 -7.25
CA TYR A 256 -14.68 -10.78 -5.94
C TYR A 256 -14.45 -12.28 -5.76
N TYR A 257 -13.22 -12.64 -5.41
CA TYR A 257 -12.78 -14.02 -5.40
C TYR A 257 -12.03 -14.36 -4.13
N GLU A 258 -12.15 -15.62 -3.71
CA GLU A 258 -11.24 -16.19 -2.73
C GLU A 258 -10.67 -17.51 -3.24
N TYR A 259 -9.41 -17.79 -2.93
CA TYR A 259 -8.80 -19.05 -3.35
C TYR A 259 -7.79 -19.54 -2.32
N ASN A 260 -8.07 -20.69 -1.72
CA ASN A 260 -7.13 -21.35 -0.82
C ASN A 260 -6.71 -20.49 0.39
N ASN A 261 -7.68 -19.84 1.04
CA ASN A 261 -7.40 -19.12 2.27
C ASN A 261 -7.63 -20.03 3.48
N SER A 262 -7.04 -19.63 4.60
CA SER A 262 -7.19 -20.32 5.86
C SER A 262 -7.55 -19.36 6.99
N GLY A 263 -7.74 -19.90 8.19
CA GLY A 263 -8.05 -19.08 9.36
C GLY A 263 -9.52 -19.03 9.70
N ALA A 264 -9.82 -18.51 10.88
CA ALA A 264 -11.17 -18.48 11.40
C ALA A 264 -12.13 -17.71 10.52
N GLY A 265 -11.63 -16.74 9.74
CA GLY A 265 -12.47 -15.95 8.85
C GLY A 265 -12.62 -16.42 7.41
N SER A 266 -12.13 -17.64 7.13
CA SER A 266 -12.05 -18.14 5.77
C SER A 266 -13.18 -19.08 5.34
N ASP A 267 -14.15 -19.37 6.20
CA ASP A 267 -15.27 -20.21 5.79
C ASP A 267 -16.06 -19.43 4.73
N THR A 268 -16.28 -20.00 3.55
CA THR A 268 -16.97 -19.31 2.45
C THR A 268 -18.45 -19.67 2.29
N SER A 269 -19.01 -20.49 3.20
CA SER A 269 -20.38 -21.01 2.99
C SER A 269 -21.49 -19.95 3.10
N ASP A 270 -21.23 -18.83 3.76
CA ASP A 270 -22.23 -17.77 3.89
C ASP A 270 -21.87 -16.52 3.07
N ARG A 271 -20.92 -16.65 2.16
CA ARG A 271 -20.45 -15.48 1.38
C ARG A 271 -21.52 -14.92 0.46
N GLU A 272 -21.39 -13.63 0.18
CA GLU A 272 -22.20 -12.92 -0.79
C GLU A 272 -21.26 -12.19 -1.74
N TYR A 273 -21.77 -11.93 -2.97
CA TYR A 273 -21.09 -11.08 -3.96
C TYR A 273 -19.83 -11.70 -4.58
N GLU A 274 -19.65 -13.01 -4.43
CA GLU A 274 -18.44 -13.63 -4.97
C GLU A 274 -18.63 -14.30 -6.33
N THR A 275 -17.51 -14.57 -6.97
CA THR A 275 -17.45 -15.29 -8.24
C THR A 275 -16.52 -16.48 -8.07
N SER A 276 -16.80 -17.58 -8.77
CA SER A 276 -15.93 -18.77 -8.66
C SER A 276 -14.63 -18.56 -9.39
N ILE A 277 -13.58 -19.18 -8.89
CA ILE A 277 -12.31 -19.22 -9.59
C ILE A 277 -11.59 -20.52 -9.19
N SER A 278 -10.91 -21.14 -10.14
CA SER A 278 -10.37 -22.49 -9.94
C SER A 278 -8.88 -22.50 -9.63
N ALA A 279 -8.25 -21.33 -9.67
CA ALA A 279 -6.82 -21.22 -9.49
C ALA A 279 -6.49 -19.82 -9.01
N ALA A 280 -5.38 -19.71 -8.29
CA ALA A 280 -4.84 -18.40 -7.91
C ALA A 280 -4.42 -17.62 -9.14
N VAL A 281 -4.46 -16.29 -9.06
CA VAL A 281 -3.92 -15.46 -10.14
C VAL A 281 -2.43 -15.23 -9.94
N ASP A 282 -1.71 -14.93 -11.01
CA ASP A 282 -0.27 -14.68 -10.89
C ASP A 282 0.07 -13.22 -11.19
N LYS A 283 1.32 -12.85 -10.98
CA LYS A 283 1.72 -11.47 -11.15
C LYS A 283 1.71 -11.02 -12.59
N THR A 284 1.80 -11.95 -13.54
CA THR A 284 1.71 -11.54 -14.93
C THR A 284 0.30 -10.98 -15.22
N THR A 285 -0.71 -11.64 -14.67
CA THR A 285 -2.08 -11.18 -14.82
C THR A 285 -2.25 -9.78 -14.19
N VAL A 286 -1.71 -9.58 -13.01
CA VAL A 286 -1.98 -8.34 -12.25
C VAL A 286 -1.08 -7.18 -12.67
N LEU A 287 0.19 -7.49 -12.94
CA LEU A 287 1.21 -6.47 -13.15
C LEU A 287 1.78 -6.39 -14.57
N GLY A 288 1.48 -7.38 -15.39
CA GLY A 288 2.01 -7.46 -16.75
C GLY A 288 3.19 -8.39 -16.82
N GLU A 289 3.47 -8.83 -18.04
CA GLU A 289 4.54 -9.80 -18.31
C GLU A 289 5.94 -9.28 -17.95
N THR A 290 6.11 -7.97 -17.82
CA THR A 290 7.40 -7.37 -17.54
C THR A 290 7.70 -7.16 -16.04
N TRP A 291 6.88 -7.73 -15.16
CA TRP A 291 7.08 -7.54 -13.72
C TRP A 291 8.48 -7.92 -13.21
N GLY A 292 9.07 -8.94 -13.83
CA GLY A 292 10.43 -9.36 -13.48
C GLY A 292 11.50 -8.30 -13.69
N ASP A 293 11.22 -7.31 -14.55
CA ASP A 293 12.17 -6.22 -14.81
C ASP A 293 12.27 -5.23 -13.67
N TRP A 294 11.22 -5.11 -12.88
CA TRP A 294 11.19 -4.06 -11.87
C TRP A 294 10.96 -4.49 -10.43
N ILE A 295 10.34 -5.65 -10.22
CA ILE A 295 10.18 -6.18 -8.88
C ILE A 295 11.52 -6.65 -8.33
N ASP A 296 11.78 -6.31 -7.07
N ASP A 296 11.77 -6.34 -7.06
CA ASP A 296 12.97 -6.76 -6.35
CA ASP A 296 12.97 -6.77 -6.36
C ASP A 296 12.71 -8.18 -5.81
C ASP A 296 12.79 -8.22 -5.88
N ARG A 297 13.46 -9.16 -6.32
N ARG A 297 13.38 -9.15 -6.63
CA ARG A 297 13.14 -10.57 -6.10
CA ARG A 297 13.39 -10.56 -6.26
C ARG A 297 13.56 -11.12 -4.74
C ARG A 297 14.36 -10.80 -5.11
N SER A 298 14.23 -10.31 -3.93
N SER A 298 15.55 -10.22 -5.21
CA SER A 298 14.77 -10.78 -2.66
CA SER A 298 16.55 -10.37 -4.16
C SER A 298 13.70 -10.80 -1.56
C SER A 298 15.89 -10.07 -2.83
N TYR A 299 12.46 -10.50 -1.92
N TYR A 299 14.85 -9.24 -2.86
CA TYR A 299 11.37 -10.41 -0.94
CA TYR A 299 14.02 -9.03 -1.69
C TYR A 299 10.31 -11.49 -1.18
C TYR A 299 13.06 -10.21 -1.52
#